data_7Q8P
#
_entry.id   7Q8P
#
_cell.length_a   94.20
_cell.length_b   94.20
_cell.length_c   126.18
_cell.angle_alpha   90.00
_cell.angle_beta   90.00
_cell.angle_gamma   90.00
#
_symmetry.space_group_name_H-M   'P 43 21 2'
#
loop_
_entity.id
_entity.type
_entity.pdbx_description
1 polymer 'Cathepsin L2'
2 polymer 'LLKVAL Peptide'
3 polymer 'EYS Peptide'
4 non-polymer 'CHLORIDE ION'
5 non-polymer (4S)-2-METHYL-2,4-PENTANEDIOL
6 non-polymer GLYCEROL
7 water water
#
loop_
_entity_poly.entity_id
_entity_poly.type
_entity_poly.pdbx_seq_one_letter_code
_entity_poly.pdbx_strand_id
1 'polypeptide(L)'
;DLPKSVDWRKKGYVTPVKNQKQCGSSWAFSATGALEGQMFRKTGKLVSLSEQNLVDCSRPQGNQGCNGGFMARAFQYVKE
NGGLDSEESYPYVAVDEICKYRPENSVAQDTGFTVVAPGKEKALMKAVATVGPISVAMDAGHSSFQFYKSGIYFEPDCSS
KNLDHGVLVVGYGFEGANSQNSKYWLVKNSWGPEWGSNGYVKIAKDKNNHCGIATAASYPNV
;
AA,BA
2 'polypeptide(L)' LLKVAL PA
3 'polypeptide(L)' EYS PB
#
loop_
_chem_comp.id
_chem_comp.type
_chem_comp.name
_chem_comp.formula
CL non-polymer 'CHLORIDE ION' 'Cl -1'
GOL non-polymer GLYCEROL 'C3 H8 O3'
MPD non-polymer (4S)-2-METHYL-2,4-PENTANEDIOL 'C6 H14 O2'
#
# COMPACT_ATOMS: atom_id res chain seq x y z
N ASP A 1 4.91 16.30 20.89
CA ASP A 1 3.63 15.61 20.81
C ASP A 1 3.61 14.66 19.61
N LEU A 2 2.54 13.89 19.50
CA LEU A 2 2.37 12.91 18.43
C LEU A 2 1.96 13.51 17.09
N PRO A 3 2.31 12.86 15.98
CA PRO A 3 1.96 13.35 14.64
C PRO A 3 0.47 13.40 14.44
N LYS A 4 0.02 14.32 13.59
CA LYS A 4 -1.41 14.41 13.28
C LYS A 4 -1.90 13.16 12.48
N SER A 5 -0.97 12.54 11.75
CA SER A 5 -1.30 11.32 11.04
C SER A 5 -0.03 10.49 10.90
N VAL A 6 -0.22 9.16 10.76
CA VAL A 6 0.90 8.21 10.61
C VAL A 6 0.50 7.18 9.59
N ASP A 7 1.45 6.77 8.73
CA ASP A 7 1.14 5.69 7.79
C ASP A 7 2.43 4.94 7.57
N TRP A 8 2.60 3.81 8.32
CA TRP A 8 3.86 3.07 8.17
C TRP A 8 4.03 2.42 6.80
N ARG A 9 2.96 2.29 6.01
CA ARG A 9 3.18 1.67 4.69
C ARG A 9 4.06 2.57 3.81
N LYS A 10 4.00 3.87 4.07
CA LYS A 10 4.77 4.83 3.27
C LYS A 10 6.25 4.85 3.64
N LYS A 11 6.61 4.12 4.71
CA LYS A 11 7.97 4.07 5.19
C LYS A 11 8.62 2.69 5.01
N GLY A 12 7.91 1.73 4.37
CA GLY A 12 8.49 0.43 4.05
C GLY A 12 8.36 -0.64 5.10
N TYR A 13 7.53 -0.37 6.13
CA TYR A 13 7.33 -1.31 7.24
C TYR A 13 6.30 -2.41 6.99
N VAL A 14 5.53 -2.34 5.88
CA VAL A 14 4.40 -3.24 5.70
C VAL A 14 4.47 -4.01 4.41
N THR A 15 4.29 -5.33 4.51
CA THR A 15 4.25 -6.20 3.36
C THR A 15 2.89 -6.07 2.63
N PRO A 16 2.82 -6.51 1.39
CA PRO A 16 1.56 -6.44 0.63
C PRO A 16 0.50 -7.26 1.34
N VAL A 17 -0.75 -6.90 1.13
CA VAL A 17 -1.86 -7.62 1.80
C VAL A 17 -1.92 -9.08 1.45
N LYS A 18 -2.12 -9.89 2.48
CA LYS A 18 -2.20 -11.35 2.36
C LYS A 18 -3.66 -11.81 2.49
N ASN A 19 -3.89 -13.12 2.34
CA ASN A 19 -5.26 -13.65 2.40
C ASN A 19 -5.26 -14.97 3.21
N GLN A 20 -5.89 -14.94 4.37
CA GLN A 20 -6.00 -16.12 5.23
C GLN A 20 -6.92 -17.19 4.66
N LYS A 21 -7.73 -16.82 3.67
CA LYS A 21 -8.71 -17.72 3.04
C LYS A 21 -9.60 -18.38 4.09
N GLN A 22 -10.01 -19.64 3.90
CA GLN A 22 -10.97 -20.22 4.84
C GLN A 22 -10.31 -20.96 6.00
N CYS A 23 -9.65 -20.21 6.84
CA CYS A 23 -8.93 -20.73 7.99
C CYS A 23 -8.98 -19.64 9.04
N GLY A 24 -9.33 -19.99 10.29
CA GLY A 24 -9.42 -18.99 11.36
C GLY A 24 -8.04 -18.58 11.84
N SER A 25 -7.27 -17.93 10.97
CA SER A 25 -5.89 -17.61 11.32
C SER A 25 -5.60 -16.12 11.29
N SER A 26 -6.63 -15.25 11.46
CA SER A 26 -6.27 -13.81 11.41
C SER A 26 -5.31 -13.46 12.51
N TRP A 27 -5.39 -14.18 13.65
CA TRP A 27 -4.46 -13.88 14.69
C TRP A 27 -3.00 -14.06 14.21
N ALA A 28 -2.74 -15.04 13.31
CA ALA A 28 -1.40 -15.29 12.83
C ALA A 28 -0.96 -14.18 11.88
N PHE A 29 -1.88 -13.70 11.03
CA PHE A 29 -1.54 -12.60 10.12
C PHE A 29 -1.31 -11.31 10.86
N SER A 30 -2.09 -11.07 11.90
CA SER A 30 -1.86 -9.88 12.70
C SER A 30 -0.50 -9.95 13.39
N ALA A 31 -0.15 -11.13 13.90
CA ALA A 31 1.14 -11.24 14.58
C ALA A 31 2.28 -11.13 13.62
N THR A 32 2.21 -11.78 12.46
CA THR A 32 3.34 -11.63 11.53
C THR A 32 3.45 -10.19 11.02
N GLY A 33 2.32 -9.54 10.85
CA GLY A 33 2.38 -8.16 10.38
C GLY A 33 3.10 -7.27 11.39
N ALA A 34 2.82 -7.46 12.70
CA ALA A 34 3.54 -6.64 13.68
C ALA A 34 5.02 -6.99 13.74
N LEU A 35 5.34 -8.29 13.65
CA LEU A 35 6.79 -8.66 13.68
C LEU A 35 7.49 -8.21 12.42
N GLU A 36 6.81 -8.21 11.25
CA GLU A 36 7.45 -7.71 10.05
C GLU A 36 7.85 -6.25 10.24
N GLY A 37 7.00 -5.46 10.87
CA GLY A 37 7.36 -4.06 11.02
C GLY A 37 8.45 -3.87 12.05
N GLN A 38 8.46 -4.72 13.12
CA GLN A 38 9.53 -4.51 14.10
C GLN A 38 10.85 -5.00 13.57
N MET A 39 10.86 -6.07 12.79
CA MET A 39 12.14 -6.51 12.24
C MET A 39 12.65 -5.51 11.23
N PHE A 40 11.73 -4.86 10.49
CA PHE A 40 12.18 -3.83 9.55
C PHE A 40 12.78 -2.65 10.30
N ARG A 41 12.17 -2.23 11.44
CA ARG A 41 12.67 -1.10 12.23
C ARG A 41 14.07 -1.42 12.74
N LYS A 42 14.27 -2.70 13.04
CA LYS A 42 15.56 -3.15 13.58
C LYS A 42 16.66 -3.35 12.55
N THR A 43 16.33 -3.86 11.36
CA THR A 43 17.37 -4.18 10.41
C THR A 43 17.33 -3.45 9.07
N GLY A 44 16.21 -2.82 8.76
CA GLY A 44 16.07 -2.16 7.46
C GLY A 44 15.66 -3.11 6.36
N LYS A 45 15.39 -4.41 6.68
CA LYS A 45 14.98 -5.32 5.64
C LYS A 45 13.54 -5.78 5.84
N LEU A 46 12.72 -5.65 4.80
CA LEU A 46 11.33 -6.13 4.94
C LEU A 46 11.23 -7.57 4.48
N VAL A 47 10.90 -8.50 5.39
CA VAL A 47 10.80 -9.90 4.97
C VAL A 47 9.46 -10.48 5.41
N SER A 48 8.69 -11.01 4.48
CA SER A 48 7.40 -11.59 4.80
C SER A 48 7.61 -12.81 5.72
N LEU A 49 6.81 -12.91 6.77
CA LEU A 49 6.96 -13.97 7.78
C LEU A 49 5.89 -15.02 7.64
N SER A 50 6.18 -16.21 8.18
CA SER A 50 5.28 -17.35 8.00
C SER A 50 4.10 -17.51 8.95
N GLU A 51 2.88 -17.21 8.46
CA GLU A 51 1.73 -17.49 9.28
C GLU A 51 1.56 -18.99 9.48
N GLN A 52 1.96 -19.75 8.47
CA GLN A 52 1.73 -21.20 8.62
C GLN A 52 2.59 -21.78 9.75
N ASN A 53 3.77 -21.18 9.96
CA ASN A 53 4.68 -21.65 11.03
C ASN A 53 3.94 -21.44 12.33
N LEU A 54 3.20 -20.30 12.44
CA LEU A 54 2.45 -20.07 13.67
C LEU A 54 1.25 -21.01 13.80
N VAL A 55 0.55 -21.22 12.69
CA VAL A 55 -0.64 -22.09 12.75
C VAL A 55 -0.24 -23.52 13.17
N ASP A 56 0.77 -24.05 12.53
CA ASP A 56 1.16 -25.44 12.84
C ASP A 56 1.89 -25.68 14.16
N CYS A 57 2.62 -24.67 14.68
CA CYS A 57 3.49 -24.92 15.83
C CYS A 57 3.16 -24.27 17.15
N SER A 58 2.16 -23.38 17.25
CA SER A 58 2.00 -22.68 18.51
C SER A 58 0.89 -23.21 19.40
N ARG A 59 0.49 -24.49 19.19
CA ARG A 59 -0.55 -25.09 20.03
C ARG A 59 -0.14 -25.09 21.47
N PRO A 60 1.12 -25.40 21.78
CA PRO A 60 1.61 -25.44 23.17
C PRO A 60 1.40 -24.13 23.91
N GLN A 61 1.46 -22.99 23.19
CA GLN A 61 1.27 -21.67 23.76
C GLN A 61 -0.20 -21.31 23.87
N GLY A 62 -1.08 -22.23 23.45
CA GLY A 62 -2.51 -22.00 23.57
C GLY A 62 -3.24 -21.59 22.32
N ASN A 63 -2.56 -21.53 21.17
CA ASN A 63 -3.28 -21.22 19.92
C ASN A 63 -3.92 -22.51 19.40
N GLN A 64 -4.90 -22.39 18.53
CA GLN A 64 -5.62 -23.57 17.97
C GLN A 64 -5.59 -23.58 16.45
N GLY A 65 -4.49 -23.11 15.88
CA GLY A 65 -4.34 -23.11 14.44
C GLY A 65 -5.44 -22.44 13.65
N CYS A 66 -6.04 -23.20 12.73
CA CYS A 66 -7.12 -22.68 11.87
C CYS A 66 -8.43 -22.54 12.67
N ASN A 67 -8.43 -22.95 13.96
CA ASN A 67 -9.63 -22.76 14.80
C ASN A 67 -9.51 -21.57 15.74
N GLY A 68 -8.51 -20.71 15.52
CA GLY A 68 -8.42 -19.50 16.36
C GLY A 68 -7.14 -19.42 17.14
N GLY A 69 -6.89 -18.23 17.68
CA GLY A 69 -5.66 -18.03 18.39
C GLY A 69 -5.56 -16.57 18.80
N PHE A 70 -4.42 -16.19 19.38
CA PHE A 70 -4.26 -14.81 19.89
C PHE A 70 -2.89 -14.34 19.56
N MET A 71 -2.77 -13.07 19.18
CA MET A 71 -1.46 -12.60 18.79
C MET A 71 -0.44 -12.65 19.92
N ALA A 72 -0.86 -12.40 21.18
CA ALA A 72 0.16 -12.45 22.26
C ALA A 72 0.71 -13.86 22.43
N ARG A 73 -0.15 -14.86 22.23
CA ARG A 73 0.30 -16.26 22.33
C ARG A 73 1.28 -16.55 21.19
N ALA A 74 1.08 -15.90 19.99
CA ALA A 74 2.04 -16.05 18.93
C ALA A 74 3.37 -15.42 19.22
N PHE A 75 3.37 -14.24 19.82
CA PHE A 75 4.66 -13.62 20.15
C PHE A 75 5.35 -14.48 21.26
N GLN A 76 4.53 -15.04 22.13
CA GLN A 76 5.08 -15.93 23.19
C GLN A 76 5.72 -17.14 22.53
N TYR A 77 5.05 -17.73 21.53
CA TYR A 77 5.70 -18.83 20.82
C TYR A 77 7.01 -18.43 20.15
N VAL A 78 7.07 -17.26 19.49
CA VAL A 78 8.32 -16.91 18.82
C VAL A 78 9.43 -16.76 19.83
N LYS A 79 9.11 -16.25 21.01
CA LYS A 79 10.16 -16.10 22.03
C LYS A 79 10.60 -17.47 22.55
N GLU A 80 9.64 -18.33 22.89
CA GLU A 80 9.98 -19.65 23.46
C GLU A 80 10.67 -20.54 22.47
N ASN A 81 10.29 -20.37 21.18
CA ASN A 81 10.85 -21.14 20.08
C ASN A 81 12.19 -20.68 19.61
N GLY A 82 12.53 -19.43 19.91
CA GLY A 82 13.82 -18.88 19.47
C GLY A 82 13.84 -18.38 18.04
N GLY A 83 12.67 -18.31 17.36
CA GLY A 83 12.69 -17.87 15.97
C GLY A 83 11.37 -18.12 15.25
N LEU A 84 11.30 -17.60 14.03
CA LEU A 84 10.12 -17.76 13.16
C LEU A 84 10.60 -17.78 11.72
N ASP A 85 10.09 -18.72 10.94
CA ASP A 85 10.50 -18.86 9.54
C ASP A 85 9.88 -17.81 8.59
N SER A 86 10.54 -17.59 7.47
CA SER A 86 10.03 -16.70 6.41
C SER A 86 8.80 -17.33 5.66
N GLU A 87 7.92 -16.48 5.04
CA GLU A 87 6.77 -16.94 4.28
C GLU A 87 7.28 -17.79 3.13
N GLU A 88 8.42 -17.36 2.57
CA GLU A 88 8.99 -18.12 1.46
C GLU A 88 9.40 -19.53 1.87
N SER A 89 10.09 -19.66 2.98
CA SER A 89 10.53 -20.98 3.39
C SER A 89 9.44 -21.88 3.97
N TYR A 90 8.34 -21.29 4.50
CA TYR A 90 7.28 -22.05 5.18
C TYR A 90 5.95 -21.44 4.68
N PRO A 91 5.53 -21.74 3.50
CA PRO A 91 4.33 -21.23 2.82
C PRO A 91 3.00 -21.52 3.43
N TYR A 92 2.10 -20.58 3.15
CA TYR A 92 0.78 -20.65 3.72
C TYR A 92 -0.14 -21.50 2.89
N VAL A 93 -0.81 -22.45 3.54
CA VAL A 93 -1.73 -23.36 2.84
C VAL A 93 -3.12 -23.35 3.45
N ALA A 94 -3.34 -22.56 4.52
CA ALA A 94 -4.66 -22.38 5.10
C ALA A 94 -5.35 -23.62 5.66
N VAL A 95 -4.57 -24.55 6.21
CA VAL A 95 -5.12 -25.73 6.87
C VAL A 95 -4.10 -26.12 7.95
N ASP A 96 -4.55 -26.78 9.02
CA ASP A 96 -3.63 -27.21 10.06
C ASP A 96 -2.70 -28.28 9.53
N GLU A 97 -1.39 -28.14 9.71
CA GLU A 97 -0.45 -29.11 9.19
C GLU A 97 0.59 -29.43 10.22
N ILE A 98 1.44 -30.39 9.92
CA ILE A 98 2.53 -30.77 10.84
C ILE A 98 3.51 -29.66 11.04
N CYS A 99 3.94 -29.44 12.28
CA CYS A 99 4.94 -28.39 12.47
C CYS A 99 6.21 -28.72 11.74
N LYS A 100 6.73 -27.77 10.92
CA LYS A 100 7.95 -27.99 10.20
C LYS A 100 8.87 -26.81 10.41
N TYR A 101 8.88 -26.28 11.62
CA TYR A 101 9.77 -25.14 11.86
C TYR A 101 11.24 -25.58 11.65
N ARG A 102 12.00 -24.78 10.91
CA ARG A 102 13.42 -24.98 10.65
C ARG A 102 14.21 -23.82 11.16
N PRO A 103 15.04 -23.99 12.18
CA PRO A 103 15.81 -22.87 12.70
C PRO A 103 16.69 -22.18 11.68
N GLU A 104 17.20 -22.93 10.70
CA GLU A 104 18.10 -22.37 9.72
C GLU A 104 17.37 -21.40 8.80
N ASN A 105 16.02 -21.46 8.79
CA ASN A 105 15.25 -20.55 7.94
C ASN A 105 14.65 -19.41 8.71
N SER A 106 14.99 -19.30 9.98
CA SER A 106 14.42 -18.26 10.80
C SER A 106 14.90 -16.90 10.33
N VAL A 107 13.97 -15.91 10.28
CA VAL A 107 14.41 -14.57 9.86
C VAL A 107 13.90 -13.55 10.87
N ALA A 108 13.33 -14.01 11.97
CA ALA A 108 12.85 -13.10 13.01
C ALA A 108 12.91 -13.72 14.41
N GLN A 109 12.99 -12.85 15.44
CA GLN A 109 13.00 -13.26 16.84
C GLN A 109 12.33 -12.17 17.67
N ASP A 110 11.82 -12.53 18.88
CA ASP A 110 11.31 -11.50 19.80
C ASP A 110 11.56 -12.00 21.23
N THR A 111 11.60 -11.08 22.20
CA THR A 111 11.88 -11.45 23.58
C THR A 111 10.63 -11.46 24.42
N GLY A 112 9.47 -11.32 23.76
CA GLY A 112 8.21 -11.23 24.47
C GLY A 112 7.43 -10.12 23.77
N PHE A 113 6.57 -9.44 24.49
CA PHE A 113 5.77 -8.41 23.80
C PHE A 113 5.31 -7.38 24.79
N THR A 114 4.92 -6.22 24.29
CA THR A 114 4.37 -5.14 25.12
C THR A 114 2.87 -5.01 24.85
N VAL A 115 2.09 -4.83 25.90
CA VAL A 115 0.65 -4.65 25.84
C VAL A 115 0.34 -3.16 25.94
N VAL A 116 -0.66 -2.72 25.17
CA VAL A 116 -1.15 -1.36 25.23
C VAL A 116 -2.24 -1.40 26.29
N ALA A 117 -2.37 -0.34 27.08
CA ALA A 117 -3.38 -0.37 28.13
C ALA A 117 -4.74 -0.61 27.50
N PRO A 118 -5.47 -1.60 28.02
CA PRO A 118 -6.80 -1.91 27.48
C PRO A 118 -7.80 -0.78 27.47
N GLY A 119 -8.37 -0.58 26.29
CA GLY A 119 -9.40 0.42 26.08
C GLY A 119 -8.86 1.81 25.92
N LYS A 120 -7.55 2.00 26.02
CA LYS A 120 -7.03 3.37 25.89
C LYS A 120 -6.59 3.74 24.48
N GLU A 121 -7.48 4.39 23.74
CA GLU A 121 -7.15 4.80 22.37
C GLU A 121 -5.99 5.79 22.30
N LYS A 122 -5.75 6.61 23.34
CA LYS A 122 -4.61 7.48 23.17
C LYS A 122 -3.33 6.73 23.44
N ALA A 123 -3.35 5.65 24.27
CA ALA A 123 -2.15 4.89 24.48
C ALA A 123 -1.87 4.19 23.16
N LEU A 124 -2.95 3.74 22.50
CA LEU A 124 -2.73 3.06 21.21
C LEU A 124 -2.16 4.05 20.19
N MET A 125 -2.61 5.31 20.21
CA MET A 125 -2.09 6.29 19.25
C MET A 125 -0.60 6.51 19.48
N LYS A 126 -0.19 6.57 20.76
CA LYS A 126 1.21 6.74 21.06
C LYS A 126 2.03 5.51 20.64
N ALA A 127 1.48 4.30 20.78
CA ALA A 127 2.23 3.14 20.33
C ALA A 127 2.39 3.15 18.83
N VAL A 128 1.32 3.47 18.10
CA VAL A 128 1.40 3.48 16.64
C VAL A 128 2.39 4.55 16.18
N ALA A 129 2.38 5.70 16.86
CA ALA A 129 3.27 6.76 16.40
C ALA A 129 4.75 6.50 16.73
N THR A 130 5.02 5.78 17.83
CA THR A 130 6.42 5.64 18.19
C THR A 130 7.08 4.28 17.96
N VAL A 131 6.30 3.25 17.67
CA VAL A 131 6.85 1.92 17.55
C VAL A 131 6.77 1.36 16.15
N GLY A 132 5.59 1.54 15.51
CA GLY A 132 5.33 0.95 14.22
C GLY A 132 3.96 0.28 14.24
N PRO A 133 3.68 -0.60 13.25
CA PRO A 133 2.36 -1.27 13.22
C PRO A 133 2.07 -2.07 14.49
N ILE A 134 0.81 -2.07 14.93
CA ILE A 134 0.44 -2.68 16.21
C ILE A 134 -0.64 -3.75 15.99
N SER A 135 -0.45 -4.95 16.57
CA SER A 135 -1.51 -5.96 16.46
C SER A 135 -2.71 -5.57 17.30
N VAL A 136 -3.90 -5.74 16.78
CA VAL A 136 -5.11 -5.44 17.54
C VAL A 136 -6.20 -6.45 17.21
N ALA A 137 -7.17 -6.57 18.12
CA ALA A 137 -8.33 -7.42 17.88
C ALA A 137 -9.54 -6.50 17.71
N MET A 138 -10.53 -6.95 16.95
CA MET A 138 -11.72 -6.13 16.73
C MET A 138 -12.95 -6.99 16.55
N ASP A 139 -14.13 -6.35 16.65
CA ASP A 139 -15.37 -7.02 16.36
C ASP A 139 -15.62 -6.83 14.86
N ALA A 140 -15.35 -7.86 14.07
CA ALA A 140 -15.58 -7.79 12.61
C ALA A 140 -16.83 -8.58 12.18
N GLY A 141 -17.60 -9.10 13.13
CA GLY A 141 -18.75 -9.93 12.80
C GLY A 141 -20.00 -9.25 12.26
N HIS A 142 -19.87 -8.46 11.19
CA HIS A 142 -21.03 -7.76 10.63
C HIS A 142 -20.95 -7.73 9.13
N SER A 143 -22.11 -7.80 8.47
CA SER A 143 -22.18 -7.73 7.03
C SER A 143 -21.62 -6.43 6.58
N SER A 144 -21.76 -5.40 7.40
CA SER A 144 -21.22 -4.11 6.97
C SER A 144 -19.70 -4.17 6.83
N PHE A 145 -19.08 -5.07 7.58
CA PHE A 145 -17.62 -5.19 7.48
C PHE A 145 -17.27 -6.08 6.35
N GLN A 146 -18.02 -7.17 6.19
CA GLN A 146 -17.72 -8.03 5.06
C GLN A 146 -17.84 -7.28 3.75
N PHE A 147 -18.81 -6.36 3.66
CA PHE A 147 -18.97 -5.65 2.40
C PHE A 147 -18.41 -4.26 2.41
N TYR A 148 -17.51 -3.97 3.35
CA TYR A 148 -16.92 -2.65 3.39
C TYR A 148 -16.15 -2.29 2.10
N LYS A 149 -16.28 -1.05 1.62
CA LYS A 149 -15.51 -0.65 0.43
C LYS A 149 -14.69 0.60 0.62
N SER A 150 -15.22 1.63 1.27
CA SER A 150 -14.46 2.85 1.46
C SER A 150 -15.05 3.73 2.53
N GLY A 151 -14.31 4.74 2.93
CA GLY A 151 -14.74 5.68 3.95
C GLY A 151 -14.44 5.19 5.35
N ILE A 152 -14.85 5.97 6.34
CA ILE A 152 -14.63 5.59 7.73
C ILE A 152 -15.68 4.61 8.16
N TYR A 153 -15.24 3.44 8.59
CA TYR A 153 -16.17 2.43 9.02
C TYR A 153 -16.71 2.74 10.38
N PHE A 154 -18.04 2.71 10.51
CA PHE A 154 -18.64 2.93 11.81
C PHE A 154 -19.89 2.08 11.80
N GLU A 155 -19.94 1.12 12.69
CA GLU A 155 -21.05 0.18 12.76
C GLU A 155 -21.66 0.27 14.14
N PRO A 156 -22.91 0.71 14.22
CA PRO A 156 -23.59 0.83 15.52
C PRO A 156 -23.65 -0.43 16.34
N ASP A 157 -23.71 -1.57 15.69
CA ASP A 157 -23.83 -2.85 16.41
C ASP A 157 -22.46 -3.40 16.86
N CYS A 158 -21.39 -2.65 16.64
CA CYS A 158 -20.05 -3.11 17.03
C CYS A 158 -19.85 -3.18 18.55
N SER A 159 -19.11 -4.19 18.98
CA SER A 159 -18.78 -4.37 20.38
C SER A 159 -17.35 -3.90 20.63
N SER A 160 -17.08 -3.37 21.84
CA SER A 160 -15.71 -2.99 22.17
C SER A 160 -15.14 -4.06 23.09
N LYS A 161 -15.93 -5.09 23.42
CA LYS A 161 -15.48 -6.13 24.35
C LYS A 161 -15.40 -7.55 23.81
N ASN A 162 -16.37 -7.95 23.00
CA ASN A 162 -16.39 -9.31 22.46
C ASN A 162 -15.85 -9.23 21.07
N LEU A 163 -14.55 -9.49 20.94
CA LEU A 163 -13.85 -9.39 19.66
C LEU A 163 -13.66 -10.73 19.01
N ASP A 164 -13.59 -10.75 17.66
CA ASP A 164 -13.47 -12.01 16.99
C ASP A 164 -12.49 -12.03 15.82
N HIS A 165 -11.69 -10.97 15.65
CA HIS A 165 -10.78 -10.90 14.49
C HIS A 165 -9.55 -10.11 14.77
N GLY A 166 -8.40 -10.69 14.36
CA GLY A 166 -7.11 -10.03 14.57
C GLY A 166 -6.74 -9.25 13.32
N VAL A 167 -6.29 -7.99 13.50
CA VAL A 167 -5.91 -7.12 12.36
C VAL A 167 -4.69 -6.32 12.76
N LEU A 168 -4.22 -5.44 11.88
CA LEU A 168 -2.98 -4.73 12.17
C LEU A 168 -3.20 -3.22 11.97
N VAL A 169 -2.96 -2.41 12.99
CA VAL A 169 -3.10 -0.94 12.79
C VAL A 169 -1.78 -0.45 12.24
N VAL A 170 -1.80 0.08 10.98
CA VAL A 170 -0.58 0.58 10.37
C VAL A 170 -0.51 2.09 10.40
N GLY A 171 -1.46 2.74 11.01
CA GLY A 171 -1.38 4.20 11.06
C GLY A 171 -2.68 4.79 11.52
N TYR A 172 -2.82 6.13 11.35
CA TYR A 172 -4.06 6.76 11.71
C TYR A 172 -4.10 8.09 10.99
N GLY A 173 -5.26 8.68 10.94
CA GLY A 173 -5.35 9.94 10.21
C GLY A 173 -6.69 10.59 10.42
N PHE A 174 -7.02 11.49 9.51
CA PHE A 174 -8.27 12.20 9.65
C PHE A 174 -8.70 12.64 8.28
N GLU A 175 -10.00 12.80 8.12
CA GLU A 175 -10.50 13.30 6.86
C GLU A 175 -10.87 14.73 7.03
N GLY A 176 -10.56 15.56 6.03
CA GLY A 176 -10.87 16.96 6.15
C GLY A 176 -9.68 17.81 6.51
N ALA A 177 -9.94 19.00 7.03
CA ALA A 177 -8.84 19.91 7.36
C ALA A 177 -8.52 19.96 8.82
N ASN A 178 -9.47 19.62 9.65
CA ASN A 178 -9.21 19.65 11.07
C ASN A 178 -8.65 18.31 11.49
N SER A 179 -7.43 18.30 12.04
CA SER A 179 -6.80 17.02 12.38
C SER A 179 -7.58 16.27 13.45
N GLN A 180 -8.56 16.93 14.05
CA GLN A 180 -9.39 16.30 15.05
C GLN A 180 -10.75 15.96 14.54
N ASN A 181 -10.95 15.98 13.24
CA ASN A 181 -12.30 15.70 12.81
C ASN A 181 -12.36 14.53 11.87
N SER A 182 -13.21 13.56 12.20
CA SER A 182 -13.35 12.35 11.40
C SER A 182 -12.05 11.62 11.42
N LYS A 183 -11.60 11.32 12.63
CA LYS A 183 -10.35 10.59 12.76
C LYS A 183 -10.55 9.12 12.49
N TYR A 184 -9.47 8.44 12.06
CA TYR A 184 -9.66 7.01 11.83
C TYR A 184 -8.37 6.30 12.07
N TRP A 185 -8.50 5.02 12.37
CA TRP A 185 -7.34 4.13 12.42
C TRP A 185 -7.19 3.49 11.04
N LEU A 186 -5.95 3.38 10.54
CA LEU A 186 -5.70 2.73 9.26
C LEU A 186 -5.39 1.26 9.54
N VAL A 187 -6.23 0.38 9.07
CA VAL A 187 -6.11 -1.05 9.44
C VAL A 187 -5.94 -1.98 8.28
N LYS A 188 -4.89 -2.82 8.38
CA LYS A 188 -4.58 -3.85 7.38
C LYS A 188 -5.35 -5.14 7.77
N ASN A 189 -6.17 -5.67 6.83
CA ASN A 189 -6.88 -6.92 7.04
C ASN A 189 -6.12 -8.05 6.34
N SER A 190 -6.58 -9.30 6.49
CA SER A 190 -5.95 -10.46 5.83
C SER A 190 -7.00 -11.22 5.01
N TRP A 191 -7.84 -10.47 4.26
CA TRP A 191 -8.87 -11.08 3.42
C TRP A 191 -8.51 -10.82 1.97
N GLY A 192 -7.23 -10.51 1.69
CA GLY A 192 -6.80 -10.25 0.32
C GLY A 192 -6.94 -8.80 -0.08
N PRO A 193 -6.16 -8.36 -1.08
CA PRO A 193 -6.13 -6.99 -1.62
C PRO A 193 -7.47 -6.59 -2.17
N GLU A 194 -8.21 -7.61 -2.61
CA GLU A 194 -9.52 -7.42 -3.21
C GLU A 194 -10.62 -6.99 -2.25
N TRP A 195 -10.46 -7.29 -0.96
CA TRP A 195 -11.48 -6.88 0.01
C TRP A 195 -11.33 -5.42 0.39
N GLY A 196 -12.42 -4.67 0.74
CA GLY A 196 -12.26 -3.33 1.26
C GLY A 196 -11.49 -2.37 0.38
N SER A 197 -10.66 -1.53 0.98
CA SER A 197 -9.89 -0.56 0.21
C SER A 197 -8.48 -1.10 -0.06
N ASN A 198 -8.30 -1.88 -1.12
CA ASN A 198 -7.00 -2.49 -1.44
C ASN A 198 -6.51 -3.34 -0.25
N GLY A 199 -7.49 -3.89 0.44
CA GLY A 199 -7.24 -4.79 1.58
C GLY A 199 -7.22 -4.11 2.92
N TYR A 200 -7.39 -2.80 2.94
CA TYR A 200 -7.39 -1.99 4.17
C TYR A 200 -8.79 -1.45 4.54
N VAL A 201 -8.90 -0.99 5.77
CA VAL A 201 -10.17 -0.37 6.25
C VAL A 201 -9.85 0.78 7.19
N LYS A 202 -10.60 1.92 7.05
CA LYS A 202 -10.44 3.03 7.97
C LYS A 202 -11.48 2.80 9.06
N ILE A 203 -11.07 2.66 10.32
CA ILE A 203 -12.05 2.45 11.37
C ILE A 203 -12.13 3.72 12.19
N ALA A 204 -13.36 4.09 12.57
CA ALA A 204 -13.52 5.35 13.31
C ALA A 204 -12.65 5.34 14.57
N LYS A 205 -11.94 6.49 14.80
CA LYS A 205 -11.01 6.68 15.90
C LYS A 205 -11.51 7.70 16.91
N ASP A 206 -11.20 7.47 18.20
CA ASP A 206 -11.58 8.32 19.32
C ASP A 206 -13.10 8.47 19.38
N LYS A 207 -13.79 7.37 19.05
CA LYS A 207 -15.24 7.31 19.09
C LYS A 207 -15.60 6.15 20.00
N ASN A 208 -15.15 6.26 21.27
CA ASN A 208 -15.37 5.29 22.32
C ASN A 208 -14.86 3.93 21.99
N ASN A 209 -13.62 3.86 21.49
CA ASN A 209 -12.98 2.53 21.24
C ASN A 209 -13.85 1.70 20.31
N HIS A 210 -14.17 2.27 19.14
CA HIS A 210 -15.09 1.63 18.25
C HIS A 210 -14.58 0.28 17.81
N CYS A 211 -15.47 -0.71 17.84
CA CYS A 211 -15.16 -2.11 17.43
C CYS A 211 -14.04 -2.70 18.29
N GLY A 212 -13.68 -2.04 19.41
CA GLY A 212 -12.69 -2.61 20.31
C GLY A 212 -11.25 -2.55 19.84
N ILE A 213 -10.91 -1.66 18.90
CA ILE A 213 -9.54 -1.63 18.35
C ILE A 213 -8.50 -1.44 19.42
N ALA A 214 -8.83 -0.73 20.52
CA ALA A 214 -7.80 -0.54 21.57
C ALA A 214 -7.97 -1.45 22.77
N THR A 215 -8.86 -2.41 22.70
CA THR A 215 -9.12 -3.33 23.83
C THR A 215 -8.02 -4.35 24.07
N ALA A 216 -7.41 -4.88 23.00
CA ALA A 216 -6.37 -5.90 23.18
C ALA A 216 -5.23 -5.75 22.15
N ALA A 217 -4.50 -4.64 22.25
CA ALA A 217 -3.43 -4.31 21.32
C ALA A 217 -2.10 -4.71 21.92
N SER A 218 -1.17 -5.13 21.07
CA SER A 218 0.16 -5.49 21.56
C SER A 218 1.16 -5.46 20.42
N TYR A 219 2.48 -5.46 20.75
CA TYR A 219 3.49 -5.53 19.69
C TYR A 219 4.70 -6.31 20.20
N PRO A 220 5.37 -7.08 19.34
CA PRO A 220 6.55 -7.86 19.80
C PRO A 220 7.74 -7.01 20.19
N ASN A 221 8.55 -7.46 21.12
CA ASN A 221 9.76 -6.74 21.46
C ASN A 221 10.91 -7.43 20.74
N VAL A 222 11.60 -6.70 19.83
CA VAL A 222 12.70 -7.33 19.08
C VAL A 222 14.07 -6.83 19.54
N LEU B 2 6.80 -13.46 -22.21
CA LEU B 2 6.28 -12.62 -21.14
C LEU B 2 5.07 -13.24 -20.43
N PRO B 3 4.87 -12.91 -19.13
CA PRO B 3 3.76 -13.43 -18.33
C PRO B 3 2.39 -12.98 -18.86
N LYS B 4 1.33 -13.77 -18.64
CA LYS B 4 0.02 -13.37 -19.14
C LYS B 4 -0.52 -12.25 -18.27
N SER B 5 0.11 -12.05 -17.12
CA SER B 5 -0.33 -10.96 -16.25
C SER B 5 0.76 -10.57 -15.26
N VAL B 6 0.67 -9.35 -14.74
CA VAL B 6 1.67 -8.82 -13.85
C VAL B 6 0.99 -7.89 -12.89
N ASP B 7 1.39 -7.94 -11.60
CA ASP B 7 0.81 -6.98 -10.65
C ASP B 7 1.91 -6.63 -9.65
N TRP B 8 2.62 -5.51 -9.87
CA TRP B 8 3.75 -5.10 -9.03
C TRP B 8 3.32 -4.81 -7.60
N ARG B 9 2.02 -4.57 -7.38
CA ARG B 9 1.56 -4.31 -6.02
C ARG B 9 1.81 -5.50 -5.11
N LYS B 10 1.70 -6.68 -5.69
CA LYS B 10 1.90 -7.92 -4.91
C LYS B 10 3.33 -8.14 -4.54
N LYS B 11 4.28 -7.45 -5.21
CA LYS B 11 5.69 -7.62 -4.91
C LYS B 11 6.34 -6.48 -4.12
N GLY B 12 5.54 -5.53 -3.58
CA GLY B 12 6.12 -4.49 -2.74
C GLY B 12 6.60 -3.21 -3.41
N TYR B 13 6.34 -3.10 -4.72
CA TYR B 13 6.80 -1.93 -5.49
C TYR B 13 5.93 -0.69 -5.42
N VAL B 14 4.73 -0.80 -4.83
CA VAL B 14 3.80 0.32 -4.93
C VAL B 14 3.28 0.83 -3.60
N THR B 15 3.36 2.16 -3.41
CA THR B 15 2.88 2.85 -2.19
C THR B 15 1.36 2.98 -2.25
N PRO B 16 0.69 3.37 -1.18
CA PRO B 16 -0.76 3.50 -1.19
C PRO B 16 -1.21 4.54 -2.18
N VAL B 17 -2.49 4.45 -2.52
CA VAL B 17 -3.09 5.45 -3.44
C VAL B 17 -3.05 6.78 -2.79
N LYS B 18 -2.64 7.81 -3.55
CA LYS B 18 -2.52 9.15 -3.04
C LYS B 18 -3.59 10.03 -3.67
N ASN B 19 -3.66 11.29 -3.26
CA ASN B 19 -4.72 12.19 -3.82
C ASN B 19 -4.14 13.57 -4.10
N GLN B 20 -4.10 13.94 -5.40
CA GLN B 20 -3.56 15.24 -5.78
C GLN B 20 -4.47 16.39 -5.38
N LYS B 21 -5.73 16.09 -5.05
CA LYS B 21 -6.73 17.11 -4.71
C LYS B 21 -6.83 18.19 -5.83
N GLN B 22 -7.00 19.47 -5.46
CA GLN B 22 -7.32 20.48 -6.47
C GLN B 22 -6.07 21.17 -6.96
N CYS B 23 -5.21 20.38 -7.60
CA CYS B 23 -3.91 20.86 -8.07
C CYS B 23 -3.58 20.01 -9.29
N GLY B 24 -3.19 20.61 -10.45
CA GLY B 24 -2.90 19.80 -11.64
C GLY B 24 -1.51 19.20 -11.59
N SER B 25 -1.31 18.30 -10.60
CA SER B 25 0.00 17.73 -10.36
C SER B 25 0.05 16.23 -10.65
N SER B 26 -0.83 15.72 -11.48
CA SER B 26 -0.80 14.27 -11.71
C SER B 26 0.58 13.83 -12.24
N TRP B 27 1.26 14.71 -12.98
CA TRP B 27 2.57 14.36 -13.48
C TRP B 27 3.53 14.07 -12.34
N ALA B 28 3.38 14.80 -11.21
CA ALA B 28 4.28 14.52 -10.09
C ALA B 28 3.96 13.22 -9.41
N PHE B 29 2.65 12.84 -9.34
CA PHE B 29 2.28 11.58 -8.72
C PHE B 29 2.74 10.43 -9.57
N SER B 30 2.63 10.60 -10.87
CA SER B 30 3.08 9.52 -11.76
C SER B 30 4.58 9.36 -11.66
N ALA B 31 5.34 10.47 -11.56
CA ALA B 31 6.79 10.37 -11.45
C ALA B 31 7.24 9.77 -10.15
N THR B 32 6.59 10.15 -9.04
CA THR B 32 7.05 9.55 -7.79
C THR B 32 6.71 8.08 -7.76
N GLY B 33 5.58 7.72 -8.36
CA GLY B 33 5.19 6.31 -8.32
C GLY B 33 6.19 5.49 -9.09
N ALA B 34 6.70 6.01 -10.21
CA ALA B 34 7.66 5.19 -10.96
C ALA B 34 9.01 5.16 -10.21
N LEU B 35 9.43 6.30 -9.60
CA LEU B 35 10.70 6.35 -8.90
C LEU B 35 10.59 5.51 -7.61
N GLU B 36 9.36 5.44 -7.03
CA GLU B 36 9.21 4.60 -5.84
C GLU B 36 9.47 3.14 -6.18
N GLY B 37 8.97 2.68 -7.34
CA GLY B 37 9.16 1.30 -7.69
C GLY B 37 10.61 1.02 -8.04
N GLN B 38 11.29 1.99 -8.72
CA GLN B 38 12.70 1.70 -9.02
C GLN B 38 13.60 1.78 -7.79
N MET B 39 13.34 2.70 -6.84
CA MET B 39 14.18 2.68 -5.65
C MET B 39 13.93 1.41 -4.83
N PHE B 40 12.71 0.86 -4.88
CA PHE B 40 12.43 -0.34 -4.10
C PHE B 40 13.19 -1.49 -4.72
N ARG B 41 13.21 -1.50 -6.04
CA ARG B 41 13.90 -2.57 -6.76
C ARG B 41 15.37 -2.55 -6.47
N LYS B 42 15.91 -1.36 -6.22
CA LYS B 42 17.34 -1.20 -5.95
C LYS B 42 17.76 -1.40 -4.49
N THR B 43 16.88 -1.08 -3.54
CA THR B 43 17.25 -1.16 -2.13
C THR B 43 16.40 -2.10 -1.28
N GLY B 44 15.23 -2.50 -1.77
CA GLY B 44 14.36 -3.34 -0.96
C GLY B 44 13.52 -2.52 0.01
N LYS B 45 13.63 -1.17 -0.04
CA LYS B 45 12.87 -0.33 0.89
C LYS B 45 11.87 0.49 0.10
N LEU B 46 10.60 0.40 0.47
CA LEU B 46 9.56 1.16 -0.25
C LEU B 46 9.30 2.41 0.54
N VAL B 47 9.68 3.58 0.01
CA VAL B 47 9.50 4.84 0.73
C VAL B 47 8.74 5.84 -0.12
N SER B 48 7.65 6.37 0.42
CA SER B 48 6.88 7.34 -0.35
C SER B 48 7.71 8.60 -0.62
N LEU B 49 7.68 9.10 -1.89
CA LEU B 49 8.47 10.28 -2.27
C LEU B 49 7.60 11.53 -2.30
N SER B 50 8.25 12.69 -2.26
CA SER B 50 7.52 13.96 -2.17
C SER B 50 7.08 14.57 -3.48
N GLU B 51 5.79 14.46 -3.77
CA GLU B 51 5.27 15.19 -4.93
C GLU B 51 5.40 16.71 -4.73
N GLN B 52 5.28 17.19 -3.48
CA GLN B 52 5.37 18.61 -3.24
C GLN B 52 6.74 19.13 -3.57
N ASN B 53 7.77 18.30 -3.36
CA ASN B 53 9.14 18.68 -3.72
C ASN B 53 9.20 18.92 -5.23
N LEU B 54 8.55 18.04 -6.01
CA LEU B 54 8.54 18.22 -7.46
C LEU B 54 7.71 19.42 -7.85
N VAL B 55 6.53 19.60 -7.24
CA VAL B 55 5.70 20.76 -7.63
C VAL B 55 6.42 22.06 -7.34
N ASP B 56 7.07 22.15 -6.19
CA ASP B 56 7.69 23.42 -5.80
C ASP B 56 9.01 23.72 -6.46
N CYS B 57 9.77 22.69 -6.82
CA CYS B 57 11.14 22.95 -7.28
C CYS B 57 11.49 22.65 -8.70
N SER B 58 10.57 22.10 -9.52
CA SER B 58 11.06 21.69 -10.85
C SER B 58 10.71 22.64 -11.97
N ARG B 59 10.38 23.86 -11.61
CA ARG B 59 10.06 24.89 -12.62
C ARG B 59 11.26 25.07 -13.56
N PRO B 60 12.53 25.11 -13.08
CA PRO B 60 13.64 25.28 -14.03
C PRO B 60 13.70 24.25 -15.13
N GLN B 61 13.26 22.99 -14.83
CA GLN B 61 13.25 21.92 -15.81
C GLN B 61 12.04 21.98 -16.77
N GLY B 62 11.21 23.00 -16.62
CA GLY B 62 10.07 23.21 -17.50
C GLY B 62 8.71 22.79 -16.95
N ASN B 63 8.67 22.31 -15.70
CA ASN B 63 7.34 21.96 -15.14
C ASN B 63 6.62 23.21 -14.67
N GLN B 64 5.29 23.13 -14.45
CA GLN B 64 4.54 24.30 -14.01
C GLN B 64 3.69 24.03 -12.75
N GLY B 65 4.22 23.19 -11.87
CA GLY B 65 3.52 22.92 -10.60
C GLY B 65 2.08 22.45 -10.72
N CYS B 66 1.14 23.19 -10.08
CA CYS B 66 -0.29 22.84 -10.08
C CYS B 66 -0.86 23.15 -11.44
N ASN B 67 -0.07 23.83 -12.28
CA ASN B 67 -0.59 24.11 -13.64
C ASN B 67 -0.17 23.10 -14.67
N GLY B 68 0.48 22.02 -14.24
CA GLY B 68 0.85 20.95 -15.16
C GLY B 68 2.35 20.72 -15.24
N GLY B 69 2.70 19.65 -15.92
CA GLY B 69 4.10 19.30 -16.07
C GLY B 69 4.23 17.93 -16.70
N PHE B 70 5.46 17.41 -16.70
CA PHE B 70 5.72 16.12 -17.34
C PHE B 70 6.59 15.24 -16.49
N MET B 71 6.31 13.94 -16.49
CA MET B 71 7.11 13.02 -15.67
C MET B 71 8.57 13.03 -16.09
N ALA B 72 8.84 13.17 -17.40
CA ALA B 72 10.25 13.21 -17.79
C ALA B 72 10.95 14.44 -17.25
N ARG B 73 10.28 15.62 -17.16
CA ARG B 73 10.96 16.77 -16.60
C ARG B 73 11.19 16.56 -15.11
N ALA B 74 10.27 15.80 -14.46
CA ALA B 74 10.47 15.50 -13.06
C ALA B 74 11.70 14.63 -12.87
N PHE B 75 11.88 13.57 -13.71
CA PHE B 75 13.09 12.76 -13.53
C PHE B 75 14.33 13.62 -13.85
N GLN B 76 14.20 14.58 -14.78
CA GLN B 76 15.37 15.44 -15.07
C GLN B 76 15.70 16.28 -13.87
N TYR B 77 14.66 16.75 -13.12
CA TYR B 77 14.94 17.54 -11.97
C TYR B 77 15.64 16.73 -10.92
N VAL B 78 15.20 15.46 -10.73
CA VAL B 78 15.84 14.67 -9.69
C VAL B 78 17.31 14.46 -10.02
N LYS B 79 17.57 14.25 -11.31
CA LYS B 79 18.97 14.08 -11.74
C LYS B 79 19.78 15.37 -11.56
N GLU B 80 19.27 16.50 -12.03
CA GLU B 80 19.99 17.78 -11.90
C GLU B 80 20.14 18.26 -10.48
N ASN B 81 19.18 17.89 -9.62
CA ASN B 81 19.20 18.31 -8.24
C ASN B 81 20.04 17.44 -7.34
N GLY B 82 20.32 16.22 -7.80
CA GLY B 82 21.11 15.30 -7.01
C GLY B 82 20.27 14.57 -5.98
N GLY B 83 18.94 14.75 -6.01
CA GLY B 83 18.14 14.04 -5.02
C GLY B 83 16.67 14.41 -5.02
N LEU B 84 15.90 13.76 -4.14
CA LEU B 84 14.43 14.01 -4.01
C LEU B 84 14.02 13.61 -2.59
N ASP B 85 13.33 14.51 -1.87
CA ASP B 85 12.94 14.27 -0.49
C ASP B 85 11.79 13.31 -0.33
N SER B 86 11.75 12.64 0.83
CA SER B 86 10.66 11.73 1.19
C SER B 86 9.38 12.54 1.41
N GLU B 87 8.24 11.91 1.18
CA GLU B 87 6.96 12.59 1.46
C GLU B 87 6.89 12.96 2.93
N GLU B 88 7.43 12.12 3.84
CA GLU B 88 7.38 12.40 5.25
C GLU B 88 8.10 13.68 5.62
N SER B 89 9.21 14.00 4.96
CA SER B 89 9.92 15.22 5.30
C SER B 89 9.40 16.44 4.55
N TYR B 90 8.69 16.22 3.42
CA TYR B 90 8.26 17.33 2.54
C TYR B 90 6.83 17.00 2.15
N PRO B 91 5.89 17.22 3.04
CA PRO B 91 4.47 16.89 2.83
C PRO B 91 3.70 17.61 1.72
N TYR B 92 2.69 16.91 1.17
CA TYR B 92 1.91 17.44 0.04
C TYR B 92 0.74 18.31 0.51
N VAL B 93 0.66 19.60 0.05
CA VAL B 93 -0.42 20.48 0.47
C VAL B 93 -1.28 20.91 -0.73
N ALA B 94 -0.97 20.38 -1.93
CA ALA B 94 -1.83 20.61 -3.11
C ALA B 94 -1.98 22.07 -3.58
N VAL B 95 -0.91 22.88 -3.40
CA VAL B 95 -0.85 24.23 -3.91
C VAL B 95 0.60 24.47 -4.30
N ASP B 96 0.84 25.45 -5.16
CA ASP B 96 2.22 25.79 -5.55
C ASP B 96 2.89 26.56 -4.42
N GLU B 97 4.06 26.13 -3.98
CA GLU B 97 4.77 26.80 -2.89
C GLU B 97 6.23 26.98 -3.17
N ILE B 98 6.92 27.70 -2.28
CA ILE B 98 8.35 27.94 -2.50
C ILE B 98 9.15 26.71 -2.24
N CYS B 99 10.21 26.50 -3.00
CA CYS B 99 11.03 25.29 -2.82
C CYS B 99 11.63 25.21 -1.44
N LYS B 100 11.57 24.00 -0.84
CA LYS B 100 12.14 23.77 0.49
C LYS B 100 12.98 22.52 0.50
N TYR B 101 13.53 22.15 -0.65
CA TYR B 101 14.34 20.93 -0.70
C TYR B 101 15.55 20.97 0.22
N ARG B 102 15.77 19.85 0.90
CA ARG B 102 16.89 19.65 1.79
C ARG B 102 17.67 18.43 1.35
N PRO B 103 18.96 18.54 1.01
CA PRO B 103 19.71 17.34 0.61
C PRO B 103 19.72 16.24 1.67
N GLU B 104 19.71 16.66 2.93
CA GLU B 104 19.83 15.72 4.06
C GLU B 104 18.60 14.85 4.13
N ASN B 105 17.51 15.31 3.50
CA ASN B 105 16.28 14.53 3.54
C ASN B 105 16.03 13.73 2.29
N SER B 106 16.98 13.74 1.34
CA SER B 106 16.78 12.99 0.11
C SER B 106 16.80 11.48 0.39
N VAL B 107 15.95 10.71 -0.32
CA VAL B 107 15.90 9.26 -0.20
C VAL B 107 15.82 8.66 -1.59
N ALA B 108 16.07 9.48 -2.64
CA ALA B 108 15.99 8.93 -3.98
C ALA B 108 16.92 9.70 -4.90
N GLN B 109 17.36 9.03 -5.96
CA GLN B 109 18.23 9.68 -6.95
C GLN B 109 17.98 9.03 -8.29
N ASP B 110 18.30 9.73 -9.38
CA ASP B 110 18.20 9.08 -10.69
C ASP B 110 19.19 9.75 -11.64
N THR B 111 19.62 9.01 -12.64
CA THR B 111 20.63 9.47 -13.60
C THR B 111 20.00 9.95 -14.88
N GLY B 112 18.68 9.96 -14.93
CA GLY B 112 17.96 10.33 -16.14
C GLY B 112 16.76 9.42 -16.24
N PHE B 113 16.31 9.15 -17.45
CA PHE B 113 15.15 8.29 -17.65
C PHE B 113 15.18 7.60 -19.01
N THR B 114 14.43 6.49 -19.11
CA THR B 114 14.30 5.76 -20.37
C THR B 114 12.90 5.93 -20.94
N VAL B 115 12.82 6.19 -22.26
CA VAL B 115 11.55 6.31 -22.94
C VAL B 115 11.16 4.99 -23.60
N VAL B 116 9.93 4.53 -23.36
CA VAL B 116 9.38 3.34 -24.01
C VAL B 116 9.11 3.74 -25.46
N ALA B 117 9.21 2.79 -26.42
CA ALA B 117 8.97 3.24 -27.80
C ALA B 117 7.57 3.80 -27.90
N PRO B 118 7.41 5.04 -28.43
CA PRO B 118 6.06 5.61 -28.51
C PRO B 118 5.05 4.83 -29.32
N GLY B 119 3.83 4.80 -28.79
CA GLY B 119 2.71 4.17 -29.46
C GLY B 119 2.77 2.67 -29.44
N LYS B 120 3.85 2.08 -28.88
CA LYS B 120 3.94 0.63 -28.93
C LYS B 120 3.57 -0.06 -27.65
N GLU B 121 2.35 -0.60 -27.64
CA GLU B 121 1.86 -1.33 -26.48
C GLU B 121 2.66 -2.57 -26.16
N LYS B 122 3.30 -3.22 -27.17
CA LYS B 122 4.05 -4.37 -26.75
C LYS B 122 5.37 -3.90 -26.19
N ALA B 123 5.86 -2.70 -26.59
CA ALA B 123 7.09 -2.26 -25.95
C ALA B 123 6.73 -1.97 -24.52
N LEU B 124 5.49 -1.44 -24.33
CA LEU B 124 5.08 -1.15 -22.94
C LEU B 124 4.89 -2.39 -22.10
N MET B 125 4.30 -3.43 -22.70
CA MET B 125 4.08 -4.66 -21.95
C MET B 125 5.42 -5.22 -21.52
N LYS B 126 6.42 -5.13 -22.43
CA LYS B 126 7.73 -5.62 -22.06
C LYS B 126 8.36 -4.80 -20.97
N ALA B 127 8.15 -3.47 -20.97
CA ALA B 127 8.79 -2.70 -19.91
C ALA B 127 8.11 -2.97 -18.57
N VAL B 128 6.78 -3.11 -18.60
CA VAL B 128 6.08 -3.38 -17.34
C VAL B 128 6.51 -4.71 -16.80
N ALA B 129 6.65 -5.70 -17.68
CA ALA B 129 7.03 -7.03 -17.17
C ALA B 129 8.45 -7.09 -16.67
N THR B 130 9.35 -6.27 -17.21
CA THR B 130 10.75 -6.41 -16.79
C THR B 130 11.38 -5.26 -15.98
N VAL B 131 10.69 -4.13 -15.80
CA VAL B 131 11.31 -3.02 -15.08
C VAL B 131 10.56 -2.76 -13.81
N GLY B 132 9.26 -2.74 -13.92
CA GLY B 132 8.41 -2.42 -12.75
C GLY B 132 7.34 -1.44 -13.19
N PRO B 133 6.76 -0.68 -12.24
CA PRO B 133 5.71 0.28 -12.64
C PRO B 133 6.21 1.32 -13.63
N ILE B 134 5.36 1.75 -14.60
CA ILE B 134 5.88 2.70 -15.61
C ILE B 134 5.05 3.97 -15.66
N SER B 135 5.70 5.16 -15.67
CA SER B 135 4.89 6.38 -15.81
C SER B 135 4.31 6.45 -17.19
N VAL B 136 3.02 6.82 -17.31
CA VAL B 136 2.37 6.99 -18.62
C VAL B 136 1.41 8.15 -18.56
N ALA B 137 1.15 8.75 -19.72
CA ALA B 137 0.15 9.81 -19.81
C ALA B 137 -1.07 9.23 -20.51
N MET B 138 -2.25 9.81 -20.26
CA MET B 138 -3.49 9.33 -20.89
C MET B 138 -4.51 10.45 -21.07
N ASP B 139 -5.51 10.18 -21.92
CA ASP B 139 -6.62 11.09 -22.13
C ASP B 139 -7.66 10.75 -21.09
N ALA B 140 -7.70 11.53 -19.98
CA ALA B 140 -8.64 11.29 -18.91
C ALA B 140 -9.78 12.29 -18.98
N GLY B 141 -9.79 13.14 -20.03
CA GLY B 141 -10.83 14.17 -20.15
C GLY B 141 -12.22 13.78 -20.57
N HIS B 142 -12.79 12.74 -19.96
CA HIS B 142 -14.14 12.31 -20.27
C HIS B 142 -14.88 11.99 -19.00
N SER B 143 -16.19 12.28 -18.98
CA SER B 143 -16.92 12.02 -17.78
C SER B 143 -16.97 10.55 -17.41
N SER B 144 -16.92 9.67 -18.41
CA SER B 144 -16.93 8.23 -18.11
C SER B 144 -15.71 7.85 -17.24
N PHE B 145 -14.62 8.60 -17.34
CA PHE B 145 -13.45 8.30 -16.53
C PHE B 145 -13.64 8.87 -15.15
N GLN B 146 -14.25 10.05 -15.08
CA GLN B 146 -14.49 10.65 -13.79
C GLN B 146 -15.40 9.78 -12.95
N PHE B 147 -16.36 9.11 -13.59
CA PHE B 147 -17.30 8.27 -12.87
C PHE B 147 -17.05 6.79 -12.96
N TYR B 148 -15.88 6.42 -13.44
CA TYR B 148 -15.55 5.02 -13.55
C TYR B 148 -15.60 4.31 -12.20
N LYS B 149 -16.10 3.06 -12.20
CA LYS B 149 -16.14 2.33 -10.91
C LYS B 149 -15.48 0.97 -11.02
N SER B 150 -15.76 0.22 -12.08
CA SER B 150 -15.17 -1.11 -12.18
C SER B 150 -15.17 -1.61 -13.58
N GLY B 151 -14.49 -2.74 -13.81
CA GLY B 151 -14.48 -3.32 -15.13
C GLY B 151 -13.43 -2.71 -16.03
N ILE B 152 -13.45 -3.12 -17.32
CA ILE B 152 -12.44 -2.61 -18.22
C ILE B 152 -12.95 -1.32 -18.79
N TYR B 153 -12.15 -0.26 -18.63
CA TYR B 153 -12.58 1.02 -19.14
C TYR B 153 -12.33 1.12 -20.63
N PHE B 154 -13.38 1.47 -21.37
CA PHE B 154 -13.21 1.67 -22.80
C PHE B 154 -14.12 2.82 -23.20
N GLU B 155 -13.49 3.93 -23.55
CA GLU B 155 -14.22 5.14 -23.93
C GLU B 155 -14.04 5.37 -25.41
N PRO B 156 -15.12 5.31 -26.17
CA PRO B 156 -15.02 5.53 -27.62
C PRO B 156 -14.41 6.83 -28.07
N ASP B 157 -14.64 7.89 -27.30
CA ASP B 157 -14.11 9.21 -27.69
C ASP B 157 -12.67 9.41 -27.24
N CYS B 158 -12.04 8.40 -26.64
CA CYS B 158 -10.68 8.60 -26.18
C CYS B 158 -9.67 8.89 -27.27
N SER B 159 -8.79 9.82 -26.99
CA SER B 159 -7.68 10.16 -27.86
C SER B 159 -6.40 9.41 -27.43
N SER B 160 -5.54 9.05 -28.40
CA SER B 160 -4.27 8.43 -28.11
C SER B 160 -3.14 9.43 -28.33
N LYS B 161 -3.49 10.70 -28.64
CA LYS B 161 -2.49 11.72 -28.95
C LYS B 161 -2.63 12.91 -28.10
N ASN B 162 -3.86 13.26 -27.78
CA ASN B 162 -4.04 14.43 -26.94
C ASN B 162 -4.30 13.94 -25.54
N LEU B 163 -3.22 14.00 -24.74
CA LEU B 163 -3.22 13.45 -23.37
C LEU B 163 -3.22 14.56 -22.35
N ASP B 164 -3.88 14.32 -21.20
CA ASP B 164 -3.95 15.40 -20.23
C ASP B 164 -3.73 14.95 -18.81
N HIS B 165 -3.32 13.69 -18.60
CA HIS B 165 -3.24 13.19 -17.22
C HIS B 165 -2.18 12.13 -17.04
N GLY B 166 -1.27 12.29 -16.04
CA GLY B 166 -0.22 11.30 -15.83
C GLY B 166 -0.70 10.26 -14.85
N VAL B 167 -0.43 8.97 -15.12
CA VAL B 167 -0.88 7.88 -14.21
C VAL B 167 0.25 6.85 -14.16
N LEU B 168 0.05 5.74 -13.44
CA LEU B 168 1.13 4.77 -13.29
C LEU B 168 0.64 3.40 -13.66
N VAL B 169 1.33 2.73 -14.65
CA VAL B 169 0.89 1.36 -14.97
C VAL B 169 1.62 0.41 -14.01
N VAL B 170 0.87 -0.29 -13.16
CA VAL B 170 1.52 -1.20 -12.18
C VAL B 170 1.38 -2.63 -12.60
N GLY B 171 0.83 -2.87 -13.79
CA GLY B 171 0.66 -4.25 -14.22
C GLY B 171 -0.28 -4.38 -15.39
N TYR B 172 -0.61 -5.62 -15.73
CA TYR B 172 -1.55 -5.86 -16.81
C TYR B 172 -2.14 -7.24 -16.63
N GLY B 173 -3.25 -7.50 -17.30
CA GLY B 173 -3.87 -8.81 -17.17
C GLY B 173 -5.02 -8.99 -18.13
N PHE B 174 -5.95 -9.85 -17.76
CA PHE B 174 -7.11 -10.13 -18.59
C PHE B 174 -8.22 -10.64 -17.72
N GLU B 175 -9.44 -10.38 -18.13
CA GLU B 175 -10.59 -10.87 -17.45
C GLU B 175 -11.05 -12.10 -18.18
N GLY B 176 -11.85 -12.92 -17.52
CA GLY B 176 -12.31 -14.12 -18.20
C GLY B 176 -11.29 -15.24 -18.09
N ALA B 177 -11.47 -16.31 -18.88
CA ALA B 177 -10.53 -17.41 -18.73
C ALA B 177 -9.37 -17.47 -19.70
N ASN B 178 -9.42 -16.76 -20.82
CA ASN B 178 -8.29 -16.96 -21.70
C ASN B 178 -7.41 -15.72 -21.76
N SER B 179 -6.10 -15.98 -21.77
CA SER B 179 -5.06 -14.96 -21.69
C SER B 179 -5.15 -13.91 -22.77
N GLN B 180 -5.79 -14.22 -23.89
CA GLN B 180 -5.83 -13.23 -24.95
C GLN B 180 -7.07 -12.36 -25.08
N ASN B 181 -8.19 -12.59 -24.37
CA ASN B 181 -9.23 -11.59 -24.62
C ASN B 181 -9.62 -10.88 -23.36
N SER B 182 -10.03 -9.61 -23.53
CA SER B 182 -10.35 -8.71 -22.46
C SER B 182 -9.11 -8.38 -21.69
N LYS B 183 -8.08 -7.99 -22.42
CA LYS B 183 -6.86 -7.61 -21.76
C LYS B 183 -6.97 -6.22 -21.20
N TYR B 184 -6.20 -5.95 -20.16
CA TYR B 184 -6.24 -4.57 -19.64
C TYR B 184 -4.96 -4.17 -18.99
N TRP B 185 -4.74 -2.85 -18.90
CA TRP B 185 -3.61 -2.30 -18.16
C TRP B 185 -4.11 -2.01 -16.76
N LEU B 186 -3.32 -2.29 -15.76
CA LEU B 186 -3.69 -2.04 -14.38
C LEU B 186 -3.03 -0.70 -14.07
N VAL B 187 -3.87 0.32 -13.80
CA VAL B 187 -3.40 1.68 -13.61
C VAL B 187 -3.72 2.29 -12.26
N LYS B 188 -2.67 2.83 -11.61
CA LYS B 188 -2.84 3.53 -10.35
C LYS B 188 -3.11 4.99 -10.66
N ASN B 189 -4.22 5.50 -10.15
CA ASN B 189 -4.54 6.95 -10.31
C ASN B 189 -4.12 7.73 -9.04
N SER B 190 -4.24 9.06 -9.05
CA SER B 190 -3.90 9.90 -7.90
C SER B 190 -5.11 10.75 -7.53
N TRP B 191 -6.31 10.14 -7.51
CA TRP B 191 -7.52 10.85 -7.14
C TRP B 191 -8.05 10.28 -5.83
N GLY B 192 -7.17 9.62 -5.07
CA GLY B 192 -7.58 8.99 -3.80
C GLY B 192 -8.22 7.63 -3.98
N PRO B 193 -8.30 6.82 -2.87
CA PRO B 193 -8.87 5.48 -2.77
C PRO B 193 -10.34 5.48 -3.12
N GLU B 194 -11.03 6.62 -2.91
CA GLU B 194 -12.47 6.60 -3.13
C GLU B 194 -12.84 6.67 -4.60
N TRP B 195 -11.94 7.14 -5.48
CA TRP B 195 -12.25 7.19 -6.91
C TRP B 195 -12.08 5.84 -7.56
N GLY B 196 -12.90 5.53 -8.56
CA GLY B 196 -12.72 4.30 -9.30
C GLY B 196 -12.77 3.02 -8.48
N SER B 197 -11.89 2.11 -8.82
CA SER B 197 -11.84 0.80 -8.16
C SER B 197 -10.75 0.90 -7.06
N ASN B 198 -11.14 1.49 -5.92
CA ASN B 198 -10.24 1.73 -4.79
C ASN B 198 -8.99 2.47 -5.30
N GLY B 199 -9.20 3.43 -6.21
CA GLY B 199 -8.12 4.26 -6.71
C GLY B 199 -7.42 3.76 -7.95
N TYR B 200 -7.79 2.56 -8.42
CA TYR B 200 -7.19 1.95 -9.61
C TYR B 200 -8.22 1.90 -10.74
N VAL B 201 -7.72 1.72 -11.98
CA VAL B 201 -8.61 1.52 -13.12
C VAL B 201 -7.97 0.51 -14.08
N LYS B 202 -8.77 -0.39 -14.66
CA LYS B 202 -8.29 -1.30 -15.69
C LYS B 202 -8.62 -0.62 -17.03
N ILE B 203 -7.61 -0.35 -17.84
CA ILE B 203 -7.92 0.32 -19.10
C ILE B 203 -7.75 -0.69 -20.20
N ALA B 204 -8.59 -0.64 -21.22
CA ALA B 204 -8.49 -1.68 -22.28
C ALA B 204 -7.08 -1.73 -22.87
N LYS B 205 -6.55 -2.99 -23.07
CA LYS B 205 -5.19 -3.19 -23.56
C LYS B 205 -5.21 -3.85 -24.91
N ASP B 206 -4.25 -3.48 -25.75
CA ASP B 206 -4.09 -4.01 -27.10
C ASP B 206 -5.30 -3.73 -27.91
N LYS B 207 -5.87 -2.54 -27.69
CA LYS B 207 -7.03 -2.11 -28.47
C LYS B 207 -6.64 -0.75 -29.03
N ASN B 208 -5.56 -0.75 -29.83
CA ASN B 208 -5.07 0.41 -30.52
C ASN B 208 -4.60 1.55 -29.63
N ASN B 209 -3.82 1.25 -28.58
CA ASN B 209 -3.28 2.26 -27.69
C ASN B 209 -4.41 3.12 -27.13
N HIS B 210 -5.41 2.46 -26.53
CA HIS B 210 -6.61 3.14 -26.02
C HIS B 210 -6.25 4.19 -24.97
N CYS B 211 -6.84 5.40 -25.12
CA CYS B 211 -6.59 6.55 -24.27
C CYS B 211 -5.08 6.96 -24.27
N GLY B 212 -4.25 6.42 -25.20
CA GLY B 212 -2.86 6.82 -25.31
C GLY B 212 -1.93 6.31 -24.23
N ILE B 213 -2.28 5.19 -23.58
CA ILE B 213 -1.46 4.68 -22.46
C ILE B 213 -0.02 4.41 -22.86
N ALA B 214 0.24 4.05 -24.15
CA ALA B 214 1.59 3.77 -24.62
C ALA B 214 2.22 4.92 -25.40
N THR B 215 1.51 6.06 -25.57
CA THR B 215 2.09 7.17 -26.33
C THR B 215 3.31 7.87 -25.69
N ALA B 216 3.34 7.98 -24.35
CA ALA B 216 4.41 8.72 -23.70
C ALA B 216 4.78 8.06 -22.38
N ALA B 217 5.25 6.82 -22.46
CA ALA B 217 5.62 6.05 -21.26
C ALA B 217 7.12 6.19 -20.97
N SER B 218 7.51 6.21 -19.69
CA SER B 218 8.91 6.35 -19.32
C SER B 218 9.15 5.91 -17.89
N TYR B 219 10.43 5.71 -17.52
CA TYR B 219 10.75 5.36 -16.14
C TYR B 219 12.16 5.85 -15.81
N PRO B 220 12.40 6.26 -14.57
CA PRO B 220 13.68 6.78 -14.10
C PRO B 220 14.75 5.73 -14.10
N ASN B 221 15.99 6.13 -14.30
CA ASN B 221 17.07 5.16 -14.25
C ASN B 221 17.76 5.36 -12.92
N VAL B 222 17.75 4.34 -12.03
CA VAL B 222 18.38 4.53 -10.73
C VAL B 222 19.69 3.75 -10.59
N LEU C 1 -11.88 -13.84 12.11
CA LEU C 1 -13.10 -14.17 11.36
C LEU C 1 -12.82 -14.44 9.87
N LEU C 2 -13.57 -15.40 9.28
CA LEU C 2 -13.38 -15.66 7.85
C LEU C 2 -14.23 -14.76 7.00
N LYS C 3 -13.72 -14.45 5.82
CA LYS C 3 -14.50 -13.70 4.86
C LYS C 3 -15.58 -14.66 4.37
N VAL C 4 -16.74 -14.13 4.02
CA VAL C 4 -17.76 -15.05 3.54
C VAL C 4 -17.88 -14.93 2.03
N GLU D 1 0.68 20.25 -21.27
CA GLU D 1 1.22 19.61 -20.07
C GLU D 1 0.17 18.69 -19.44
N TYR D 2 0.56 17.80 -18.50
CA TYR D 2 -0.48 16.95 -17.89
C TYR D 2 -0.84 17.49 -16.56
N SER D 3 -2.11 17.40 -16.22
CA SER D 3 -2.63 17.91 -14.95
C SER D 3 -3.26 16.80 -14.11
CL CL E . -9.61 -15.96 12.14
C1 MPD F . 7.87 -10.30 -0.24
C2 MPD F . 8.04 -8.79 -0.09
O2 MPD F . 7.25 -8.15 -1.09
CM MPD F . 7.54 -8.38 1.30
C3 MPD F . 9.53 -8.45 -0.27
C4 MPD F . 10.09 -7.26 0.50
O4 MPD F . 11.42 -7.02 0.06
C5 MPD F . 9.26 -6.03 0.29
C1 MPD G . -7.66 -11.94 18.11
C2 MPD G . -8.65 -13.08 18.33
O2 MPD G . -8.18 -13.85 19.44
CM MPD G . -10.02 -12.51 18.66
C3 MPD G . -8.69 -13.96 17.06
C4 MPD G . -9.63 -15.16 17.02
O4 MPD G . -9.15 -16.08 16.05
C5 MPD G . -9.70 -15.88 18.35
C1 GOL H . -5.94 2.74 2.21
O1 GOL H . -7.33 2.89 2.47
C2 GOL H . -5.67 2.15 0.82
O2 GOL H . -6.86 2.22 0.04
C3 GOL H . -4.53 2.84 0.07
O3 GOL H . -4.24 2.20 -1.14
C1 MPD I . -12.12 16.25 -9.16
C2 MPD I . -11.28 15.11 -9.73
O2 MPD I . -12.18 14.11 -10.23
CM MPD I . -10.44 15.63 -10.89
C3 MPD I . -10.39 14.50 -8.64
C4 MPD I . -9.60 15.42 -7.73
O4 MPD I . -10.50 16.20 -6.94
C5 MPD I . -8.74 14.59 -6.79
C1 MPD J . -8.90 17.51 -15.48
C2 MPD J . -8.76 16.16 -16.16
O2 MPD J . -9.14 16.26 -17.54
CM MPD J . -7.30 15.70 -16.10
C3 MPD J . -9.66 15.11 -15.49
C4 MPD J . -11.16 15.30 -15.50
O4 MPD J . -11.56 16.20 -16.55
C5 MPD J . -11.82 13.95 -15.71
C1 MPD K . 17.82 21.11 -9.65
C2 MPD K . 18.05 22.62 -9.73
O2 MPD K . 16.89 23.23 -10.31
CM MPD K . 18.27 23.18 -8.33
C3 MPD K . 19.25 22.91 -10.62
C4 MPD K . 18.99 23.56 -11.96
O4 MPD K . 18.55 24.91 -11.74
C5 MPD K . 20.23 23.57 -12.82
C1 MPD L . 7.96 13.39 -22.89
C2 MPD L . 8.42 12.09 -23.55
O2 MPD L . 8.01 10.99 -22.71
CM MPD L . 7.73 11.95 -24.91
C3 MPD L . 9.94 12.06 -23.69
C4 MPD L . 10.70 13.33 -24.04
O4 MPD L . 10.61 14.26 -22.96
C5 MPD L . 12.17 13.00 -24.25
#